data_4D9P
#
_entry.id   4D9P
#
_cell.length_a   99.667
_cell.length_b   99.667
_cell.length_c   261.081
_cell.angle_alpha   90.000
_cell.angle_beta   90.000
_cell.angle_gamma   120.000
#
_symmetry.space_group_name_H-M   'P 62 2 2'
#
loop_
_entity.id
_entity.type
_entity.pdbx_description
1 polymer 'Dihydropteroate Synthase'
2 non-polymer 'SULFATE ION'
3 non-polymer '(3R)-3-(7-amino-1-methyl-4,5-dioxo-1,4,5,6-tetrahydropyrimido[4,5-c]pyridazin-3-yl)butanoic acid'
4 water water
#
_entity_poly.entity_id   1
_entity_poly.type   'polypeptide(L)'
_entity_poly.pdbx_seq_one_letter_code
;MGSSHHHHHHSSGLVPRGSHMKWDYDLRCGEYTLNLNEKTLIMGILNVTPDSFSDGGSYNEVDAAVRHAKEMRDEGAHII
DIGGESTRPGFAKVSVEEEIKRVVPMIQAVSKEVKLPISIDTYKAEVAKQAIEAGAHIINDIWGAKAEPKIAEVAAHYDV
PIILMHNRDNMNYRNLMADMIADLYDSIKIAKDAGVRDENIILDPGIGFAKTPEQNLEAMRNLEQLNVLGYPVLLGTSRK
SFIGHVLDLPVEERLEGTGATVCLGIEKGCEFVRVHDVKEMSRMAKMMDAMIGKGVK
;
_entity_poly.pdbx_strand_id   A,B
#
loop_
_chem_comp.id
_chem_comp.type
_chem_comp.name
_chem_comp.formula
SO4 non-polymer 'SULFATE ION' 'O4 S -2'
Z17 non-polymer '(3R)-3-(7-amino-1-methyl-4,5-dioxo-1,4,5,6-tetrahydropyrimido[4,5-c]pyridazin-3-yl)butanoic acid' 'C11 H13 N5 O4'
#
# COMPACT_ATOMS: atom_id res chain seq x y z
N LYS A 22 24.26 9.73 -32.94
CA LYS A 22 23.08 9.25 -33.75
C LYS A 22 21.75 9.97 -33.45
N TRP A 23 21.39 10.06 -32.17
CA TRP A 23 20.28 10.94 -31.76
C TRP A 23 20.85 12.24 -31.18
N ASP A 24 20.41 13.37 -31.71
CA ASP A 24 20.94 14.67 -31.29
C ASP A 24 20.08 15.34 -30.23
N TYR A 25 19.21 14.54 -29.61
CA TYR A 25 18.39 15.00 -28.50
C TYR A 25 18.16 13.87 -27.52
N ASP A 26 17.83 14.23 -26.28
CA ASP A 26 17.37 13.29 -25.27
C ASP A 26 15.85 13.28 -25.26
N LEU A 27 15.29 12.15 -24.85
CA LEU A 27 13.85 12.01 -24.68
C LEU A 27 13.44 12.67 -23.38
N ARG A 28 12.75 13.79 -23.49
CA ARG A 28 12.42 14.63 -22.35
C ARG A 28 11.11 14.21 -21.71
N CYS A 29 11.21 13.73 -20.47
CA CYS A 29 10.07 13.19 -19.73
C CYS A 29 9.87 13.93 -18.42
N GLY A 30 9.44 15.19 -18.52
CA GLY A 30 9.26 16.06 -17.35
C GLY A 30 10.45 16.02 -16.41
N GLU A 31 10.29 15.30 -15.30
CA GLU A 31 11.34 15.18 -14.29
C GLU A 31 12.53 14.30 -14.74
N TYR A 32 12.24 13.32 -15.61
CA TYR A 32 13.25 12.37 -16.07
C TYR A 32 13.66 12.63 -17.51
N THR A 33 14.90 12.26 -17.82
CA THR A 33 15.45 12.39 -19.16
C THR A 33 16.01 11.04 -19.60
N LEU A 34 15.69 10.64 -20.82
CA LEU A 34 16.17 9.38 -21.37
C LEU A 34 17.14 9.59 -22.54
N ASN A 35 18.38 9.20 -22.34
CA ASN A 35 19.40 9.24 -23.36
C ASN A 35 19.14 8.09 -24.34
N LEU A 36 18.93 8.44 -25.62
CA LEU A 36 18.59 7.44 -26.63
C LEU A 36 19.83 6.82 -27.23
N ASN A 37 21.00 7.34 -26.88
CA ASN A 37 22.26 6.88 -27.46
C ASN A 37 23.04 5.85 -26.64
N GLU A 38 22.97 5.93 -25.32
CA GLU A 38 23.84 5.13 -24.45
C GLU A 38 23.50 3.63 -24.41
N LYS A 39 22.20 3.31 -24.48
CA LYS A 39 21.73 1.93 -24.24
C LYS A 39 20.31 1.73 -24.74
N THR A 40 19.92 0.47 -24.94
CA THR A 40 18.54 0.12 -25.22
C THR A 40 17.75 0.38 -23.95
N LEU A 41 16.68 1.15 -24.08
CA LEU A 41 15.84 1.50 -22.95
C LEU A 41 14.77 0.45 -22.71
N ILE A 42 14.66 -0.01 -21.47
CA ILE A 42 13.77 -1.12 -21.13
C ILE A 42 12.46 -0.61 -20.54
N MET A 43 11.36 -0.85 -21.25
CA MET A 43 10.05 -0.51 -20.72
C MET A 43 9.47 -1.76 -20.12
N GLY A 44 9.30 -1.74 -18.80
CA GLY A 44 8.72 -2.86 -18.08
C GLY A 44 7.22 -2.74 -18.07
N ILE A 45 6.55 -3.88 -18.27
CA ILE A 45 5.09 -3.94 -18.29
C ILE A 45 4.55 -4.22 -16.88
N LEU A 46 3.79 -3.26 -16.35
CA LEU A 46 3.18 -3.42 -15.01
C LEU A 46 2.00 -4.39 -14.97
N ASN A 47 2.06 -5.34 -14.02
CA ASN A 47 0.92 -6.17 -13.65
C ASN A 47 -0.09 -5.29 -12.96
N VAL A 48 -1.24 -5.10 -13.59
CA VAL A 48 -2.25 -4.22 -13.01
C VAL A 48 -3.48 -4.99 -12.54
N THR A 49 -3.28 -6.23 -12.10
CA THR A 49 -4.37 -7.14 -11.70
C THR A 49 -5.37 -6.46 -10.76
N PRO A 50 -6.58 -6.17 -11.27
CA PRO A 50 -7.61 -5.44 -10.53
C PRO A 50 -8.27 -6.28 -9.45
N ASP A 51 -8.71 -5.62 -8.39
CA ASP A 51 -9.49 -6.26 -7.34
C ASP A 51 -10.95 -6.30 -7.76
N SER A 52 -11.57 -7.46 -7.62
CA SER A 52 -13.03 -7.55 -7.74
C SER A 52 -13.62 -6.86 -6.52
N PHE A 53 -14.86 -6.38 -6.64
CA PHE A 53 -15.52 -5.57 -5.60
C PHE A 53 -14.95 -4.14 -5.45
N SER A 54 -13.98 -3.79 -6.29
CA SER A 54 -13.29 -2.51 -6.20
C SER A 54 -13.55 -1.65 -7.41
N ASP A 55 -13.82 -0.36 -7.19
CA ASP A 55 -13.87 0.64 -8.25
C ASP A 55 -12.46 0.86 -8.78
N GLY A 56 -11.50 0.86 -7.85
CA GLY A 56 -10.10 1.14 -8.10
C GLY A 56 -9.57 1.86 -6.88
N GLY A 57 -8.25 1.84 -6.72
CA GLY A 57 -7.62 2.56 -5.62
C GLY A 57 -7.44 1.76 -4.33
N SER A 58 -7.95 0.53 -4.32
CA SER A 58 -7.85 -0.36 -3.17
C SER A 58 -6.42 -0.70 -2.83
N TYR A 59 -6.18 -1.03 -1.57
CA TYR A 59 -4.82 -1.24 -1.05
C TYR A 59 -4.08 -2.41 -1.70
N ASN A 60 -4.74 -3.56 -1.87
CA ASN A 60 -4.09 -4.73 -2.46
C ASN A 60 -3.72 -4.55 -3.94
N GLU A 61 -4.56 -3.82 -4.68
CA GLU A 61 -4.33 -3.46 -6.09
C GLU A 61 -3.08 -2.61 -6.27
N VAL A 62 -3.06 -1.47 -5.57
CA VAL A 62 -2.03 -0.45 -5.72
C VAL A 62 -0.70 -0.94 -5.15
N ASP A 63 -0.76 -1.59 -4.00
CA ASP A 63 0.42 -2.14 -3.37
C ASP A 63 1.09 -3.21 -4.23
N ALA A 64 0.29 -4.08 -4.86
CA ALA A 64 0.82 -5.13 -5.74
C ALA A 64 1.54 -4.53 -6.94
N ALA A 65 0.98 -3.42 -7.44
CA ALA A 65 1.51 -2.70 -8.58
C ALA A 65 2.78 -1.92 -8.21
N VAL A 66 2.76 -1.26 -7.06
CA VAL A 66 3.95 -0.56 -6.57
C VAL A 66 5.07 -1.57 -6.33
N ARG A 67 4.70 -2.73 -5.78
CA ARG A 67 5.67 -3.76 -5.48
C ARG A 67 6.31 -4.21 -6.77
N HIS A 68 5.47 -4.52 -7.76
CA HIS A 68 5.95 -4.90 -9.09
C HIS A 68 6.74 -3.80 -9.81
N ALA A 69 6.35 -2.54 -9.63
CA ALA A 69 7.11 -1.44 -10.20
C ALA A 69 8.51 -1.36 -9.61
N LYS A 70 8.59 -1.38 -8.27
CA LYS A 70 9.88 -1.41 -7.55
C LYS A 70 10.74 -2.56 -8.05
N GLU A 71 10.12 -3.75 -8.15
CA GLU A 71 10.77 -4.98 -8.59
C GLU A 71 11.38 -4.80 -9.97
N MET A 72 10.61 -4.24 -10.90
CA MET A 72 11.11 -4.01 -12.24
C MET A 72 12.14 -2.90 -12.27
N ARG A 73 11.93 -1.87 -11.46
CA ARG A 73 12.93 -0.81 -11.32
C ARG A 73 14.23 -1.42 -10.85
N ASP A 74 14.16 -2.39 -9.95
CA ASP A 74 15.38 -3.01 -9.42
C ASP A 74 16.04 -3.96 -10.40
N GLU A 75 15.27 -4.42 -11.38
CA GLU A 75 15.75 -5.39 -12.37
C GLU A 75 16.32 -4.76 -13.65
N GLY A 76 16.19 -3.44 -13.78
CA GLY A 76 16.80 -2.70 -14.87
C GLY A 76 15.86 -1.94 -15.80
N ALA A 77 14.56 -1.91 -15.47
CA ALA A 77 13.59 -1.18 -16.28
C ALA A 77 13.89 0.31 -16.30
N HIS A 78 13.60 0.97 -17.42
CA HIS A 78 13.85 2.40 -17.51
C HIS A 78 12.57 3.21 -17.55
N ILE A 79 11.46 2.53 -17.84
CA ILE A 79 10.13 3.13 -17.94
C ILE A 79 9.17 2.09 -17.41
N ILE A 80 8.12 2.54 -16.72
CA ILE A 80 7.03 1.66 -16.30
C ILE A 80 5.77 1.91 -17.12
N ASP A 81 5.32 0.91 -17.85
CA ASP A 81 4.12 1.03 -18.67
C ASP A 81 2.89 0.58 -17.86
N ILE A 82 1.92 1.48 -17.70
CA ILE A 82 0.74 1.20 -16.86
C ILE A 82 -0.54 1.35 -17.65
N GLY A 83 -1.30 0.26 -17.78
CA GLY A 83 -2.51 0.28 -18.59
C GLY A 83 -3.80 -0.23 -18.01
N GLY A 84 -4.59 -0.86 -18.89
CA GLY A 84 -5.92 -1.45 -18.55
C GLY A 84 -6.41 -2.29 -19.73
N VAL A 94 -15.07 -2.74 -17.85
CA VAL A 94 -14.55 -1.38 -17.59
C VAL A 94 -14.71 -0.40 -18.76
N SER A 95 -15.44 0.70 -18.53
CA SER A 95 -15.51 1.80 -19.49
C SER A 95 -14.57 2.94 -19.07
N VAL A 96 -14.56 4.01 -19.86
CA VAL A 96 -13.68 5.17 -19.67
C VAL A 96 -13.60 5.63 -18.20
N GLU A 97 -14.75 5.81 -17.57
CA GLU A 97 -14.81 6.31 -16.20
C GLU A 97 -14.15 5.36 -15.21
N GLU A 98 -14.36 4.06 -15.41
CA GLU A 98 -13.73 3.03 -14.59
C GLU A 98 -12.22 2.90 -14.84
N GLU A 99 -11.82 2.97 -16.10
CA GLU A 99 -10.42 2.87 -16.50
C GLU A 99 -9.57 3.94 -15.81
N ILE A 100 -10.08 5.17 -15.76
CA ILE A 100 -9.40 6.27 -15.08
C ILE A 100 -9.25 5.94 -13.60
N LYS A 101 -10.34 5.54 -12.97
CA LYS A 101 -10.38 5.21 -11.54
C LYS A 101 -9.49 4.02 -11.17
N ARG A 102 -9.17 3.18 -12.15
CA ARG A 102 -8.27 2.07 -11.95
C ARG A 102 -6.82 2.49 -12.12
N VAL A 103 -6.57 3.44 -12.99
CA VAL A 103 -5.22 3.69 -13.43
C VAL A 103 -4.61 4.90 -12.76
N VAL A 104 -5.44 5.91 -12.48
CA VAL A 104 -5.00 7.12 -11.79
C VAL A 104 -4.38 6.78 -10.41
N PRO A 105 -5.11 6.06 -9.54
CA PRO A 105 -4.49 5.82 -8.24
C PRO A 105 -3.18 5.05 -8.34
N MET A 106 -3.06 4.21 -9.36
CA MET A 106 -1.82 3.49 -9.61
C MET A 106 -0.71 4.40 -10.09
N ILE A 107 -1.04 5.34 -10.97
CA ILE A 107 -0.04 6.29 -11.46
C ILE A 107 0.40 7.23 -10.34
N GLN A 108 -0.54 7.60 -9.46
CA GLN A 108 -0.27 8.44 -8.30
C GLN A 108 0.77 7.79 -7.38
N ALA A 109 0.53 6.53 -7.04
CA ALA A 109 1.37 5.83 -6.08
C ALA A 109 2.73 5.42 -6.67
N VAL A 110 2.73 4.95 -7.93
CA VAL A 110 3.97 4.54 -8.60
C VAL A 110 4.90 5.71 -8.83
N SER A 111 4.37 6.83 -9.32
CA SER A 111 5.18 8.01 -9.57
C SER A 111 5.72 8.60 -8.27
N LYS A 112 5.00 8.39 -7.18
CA LYS A 112 5.42 8.80 -5.84
C LYS A 112 6.58 7.92 -5.36
N GLU A 113 6.41 6.60 -5.48
CA GLU A 113 7.29 5.62 -4.85
C GLU A 113 8.38 5.02 -5.73
N VAL A 114 8.27 5.19 -7.05
CA VAL A 114 9.27 4.67 -7.98
C VAL A 114 9.78 5.78 -8.88
N LYS A 115 11.03 6.17 -8.65
CA LYS A 115 11.67 7.23 -9.41
C LYS A 115 12.07 6.74 -10.80
N LEU A 116 11.07 6.71 -11.67
CA LEU A 116 11.17 6.15 -13.01
C LEU A 116 10.04 6.73 -13.86
N PRO A 117 10.33 7.09 -15.12
CA PRO A 117 9.25 7.62 -15.97
C PRO A 117 8.17 6.57 -16.22
N ILE A 118 6.92 7.03 -16.21
CA ILE A 118 5.76 6.16 -16.39
C ILE A 118 5.16 6.47 -17.74
N SER A 119 4.77 5.42 -18.46
CA SER A 119 3.94 5.59 -19.64
C SER A 119 2.54 5.09 -19.34
N ILE A 120 1.56 5.82 -19.90
CA ILE A 120 0.17 5.44 -19.78
C ILE A 120 -0.24 4.70 -21.04
N ASP A 121 -0.51 3.42 -20.87
CA ASP A 121 -0.91 2.58 -21.98
C ASP A 121 -2.39 2.83 -22.21
N THR A 122 -2.70 3.66 -23.19
CA THR A 122 -4.07 4.00 -23.54
C THR A 122 -4.16 4.53 -24.96
N TYR A 123 -5.31 4.29 -25.61
CA TYR A 123 -5.62 4.91 -26.89
C TYR A 123 -6.64 6.05 -26.76
N LYS A 124 -7.10 6.29 -25.53
CA LYS A 124 -8.20 7.22 -25.29
C LYS A 124 -7.72 8.58 -24.81
N ALA A 125 -8.19 9.63 -25.47
CA ALA A 125 -7.84 11.01 -25.10
C ALA A 125 -8.03 11.31 -23.61
N GLU A 126 -9.21 11.02 -23.08
CA GLU A 126 -9.57 11.39 -21.69
C GLU A 126 -8.75 10.63 -20.67
N VAL A 127 -8.47 9.37 -20.95
CA VAL A 127 -7.60 8.57 -20.11
C VAL A 127 -6.20 9.19 -20.12
N ALA A 128 -5.68 9.44 -21.32
CA ALA A 128 -4.37 10.04 -21.47
C ALA A 128 -4.22 11.28 -20.59
N LYS A 129 -5.18 12.22 -20.71
CA LYS A 129 -5.17 13.44 -19.91
C LYS A 129 -5.08 13.16 -18.40
N GLN A 130 -5.98 12.33 -17.89
CA GLN A 130 -6.05 12.04 -16.45
C GLN A 130 -4.76 11.44 -15.93
N ALA A 131 -4.22 10.50 -16.71
CA ALA A 131 -2.98 9.81 -16.38
C ALA A 131 -1.82 10.78 -16.22
N ILE A 132 -1.70 11.73 -17.14
CA ILE A 132 -0.63 12.74 -17.07
C ILE A 132 -0.86 13.68 -15.86
N GLU A 133 -2.10 14.13 -15.67
CA GLU A 133 -2.48 14.90 -14.48
C GLU A 133 -2.12 14.13 -13.20
N ALA A 134 -2.28 12.81 -13.24
CA ALA A 134 -1.92 11.93 -12.14
C ALA A 134 -0.43 11.65 -11.98
N GLY A 135 0.37 11.90 -13.02
CA GLY A 135 1.83 11.78 -12.93
C GLY A 135 2.55 11.06 -14.06
N ALA A 136 1.79 10.59 -15.06
CA ALA A 136 2.36 9.88 -16.21
C ALA A 136 3.16 10.83 -17.11
N HIS A 137 4.21 10.30 -17.73
CA HIS A 137 5.15 11.09 -18.51
C HIS A 137 5.05 10.82 -20.00
N ILE A 138 4.78 9.58 -20.37
CA ILE A 138 4.73 9.18 -21.77
C ILE A 138 3.35 8.62 -22.09
N ILE A 139 2.86 8.88 -23.30
CA ILE A 139 1.63 8.28 -23.77
C ILE A 139 1.98 7.07 -24.65
N ASN A 140 1.36 5.94 -24.35
CA ASN A 140 1.57 4.74 -25.16
C ASN A 140 0.26 4.38 -25.85
N ASP A 141 0.15 4.79 -27.12
CA ASP A 141 -1.09 4.60 -27.87
C ASP A 141 -1.00 3.48 -28.91
N ILE A 142 -1.59 2.34 -28.59
CA ILE A 142 -1.65 1.21 -29.53
C ILE A 142 -2.48 1.47 -30.80
N TRP A 143 -3.08 2.65 -30.90
CA TRP A 143 -3.82 2.97 -32.12
C TRP A 143 -3.21 4.12 -32.88
N GLY A 144 -2.04 4.56 -32.44
CA GLY A 144 -1.27 5.58 -33.14
C GLY A 144 -2.05 6.84 -33.45
N ALA A 145 -2.79 7.32 -32.46
CA ALA A 145 -3.65 8.51 -32.57
C ALA A 145 -4.85 8.34 -33.53
N LYS A 146 -5.09 7.12 -34.00
CA LYS A 146 -6.17 6.88 -34.95
C LYS A 146 -7.51 6.54 -34.31
N ALA A 147 -7.49 5.92 -33.13
CA ALA A 147 -8.75 5.61 -32.47
C ALA A 147 -9.41 6.88 -31.93
N GLU A 148 -8.61 7.75 -31.34
CA GLU A 148 -9.09 9.02 -30.81
C GLU A 148 -8.09 10.12 -31.13
N PRO A 149 -8.26 10.80 -32.28
CA PRO A 149 -7.26 11.79 -32.70
C PRO A 149 -6.95 12.89 -31.67
N LYS A 150 -7.91 13.20 -30.81
CA LYS A 150 -7.72 14.20 -29.74
C LYS A 150 -6.64 13.82 -28.73
N ILE A 151 -6.24 12.54 -28.72
CA ILE A 151 -5.15 12.10 -27.85
C ILE A 151 -3.86 12.84 -28.19
N ALA A 152 -3.72 13.21 -29.45
CA ALA A 152 -2.53 13.91 -29.93
C ALA A 152 -2.56 15.36 -29.46
N GLU A 153 -3.76 15.93 -29.42
CA GLU A 153 -3.98 17.26 -28.82
C GLU A 153 -3.54 17.24 -27.35
N VAL A 154 -3.89 16.15 -26.66
CA VAL A 154 -3.46 15.93 -25.28
C VAL A 154 -1.92 15.87 -25.19
N ALA A 155 -1.31 15.01 -26.01
CA ALA A 155 0.14 14.90 -26.06
C ALA A 155 0.80 16.25 -26.36
N ALA A 156 0.24 16.96 -27.33
CA ALA A 156 0.76 18.25 -27.73
C ALA A 156 0.75 19.21 -26.55
N HIS A 157 -0.40 19.27 -25.88
CA HIS A 157 -0.62 20.23 -24.80
C HIS A 157 0.27 20.03 -23.57
N TYR A 158 0.46 18.77 -23.18
CA TYR A 158 1.31 18.48 -22.02
C TYR A 158 2.79 18.31 -22.40
N ASP A 159 3.09 18.42 -23.70
CA ASP A 159 4.45 18.36 -24.21
C ASP A 159 5.18 17.04 -23.84
N VAL A 160 4.44 15.94 -23.91
CA VAL A 160 4.94 14.63 -23.52
C VAL A 160 5.25 13.73 -24.71
N PRO A 161 6.22 12.82 -24.56
CA PRO A 161 6.46 11.87 -25.63
C PRO A 161 5.23 10.97 -25.88
N ILE A 162 4.96 10.67 -27.14
CA ILE A 162 3.86 9.76 -27.47
C ILE A 162 4.36 8.62 -28.35
N ILE A 163 3.99 7.40 -27.98
CA ILE A 163 4.37 6.25 -28.76
C ILE A 163 3.24 5.95 -29.72
N LEU A 164 3.52 6.07 -31.02
CA LEU A 164 2.54 5.78 -32.04
C LEU A 164 2.81 4.38 -32.57
N MET A 165 1.90 3.46 -32.26
CA MET A 165 2.10 2.07 -32.63
C MET A 165 1.35 1.77 -33.91
N HIS A 166 1.98 1.01 -34.80
CA HIS A 166 1.28 0.55 -35.97
C HIS A 166 0.15 -0.36 -35.51
N ASN A 167 -1.05 -0.08 -36.01
CA ASN A 167 -2.21 -0.93 -35.81
C ASN A 167 -3.18 -0.61 -36.94
N ARG A 168 -4.05 -1.55 -37.24
CA ARG A 168 -5.13 -1.35 -38.20
C ARG A 168 -6.23 -2.39 -37.94
N ASP A 169 -7.40 -2.19 -38.53
CA ASP A 169 -8.52 -3.09 -38.29
C ASP A 169 -8.53 -4.28 -39.26
N ASN A 170 -7.49 -4.40 -40.07
CA ASN A 170 -7.40 -5.46 -41.06
C ASN A 170 -5.98 -5.93 -41.32
N MET A 171 -5.85 -7.08 -41.96
CA MET A 171 -4.55 -7.68 -42.24
C MET A 171 -4.41 -7.80 -43.76
N ASN A 172 -5.08 -6.88 -44.45
CA ASN A 172 -5.10 -6.83 -45.92
C ASN A 172 -4.03 -5.87 -46.49
N TYR A 173 -2.79 -6.34 -46.51
CA TYR A 173 -1.67 -5.54 -47.00
C TYR A 173 -1.38 -5.79 -48.47
N ARG A 174 -1.10 -4.73 -49.20
CA ARG A 174 -0.46 -4.86 -50.49
C ARG A 174 0.96 -5.30 -50.17
N ASN A 175 1.70 -4.43 -49.48
CA ASN A 175 3.07 -4.67 -49.09
C ASN A 175 3.31 -4.30 -47.63
N LEU A 176 3.53 -5.33 -46.81
CA LEU A 176 3.59 -5.18 -45.36
C LEU A 176 4.40 -3.97 -44.90
N MET A 177 5.68 -3.96 -45.20
CA MET A 177 6.57 -2.92 -44.70
C MET A 177 6.20 -1.56 -45.25
N ALA A 178 5.94 -1.53 -46.55
CA ALA A 178 5.59 -0.30 -47.25
C ALA A 178 4.31 0.26 -46.67
N ASP A 179 3.37 -0.64 -46.39
CA ASP A 179 2.08 -0.28 -45.81
C ASP A 179 2.20 0.16 -44.36
N MET A 180 2.97 -0.59 -43.58
CA MET A 180 3.27 -0.23 -42.20
C MET A 180 3.78 1.20 -42.13
N ILE A 181 4.74 1.53 -43.00
CA ILE A 181 5.41 2.84 -42.98
C ILE A 181 4.42 3.92 -43.36
N ALA A 182 3.55 3.63 -44.34
CA ALA A 182 2.45 4.52 -44.70
C ALA A 182 1.48 4.77 -43.53
N ASP A 183 1.11 3.70 -42.82
CA ASP A 183 0.22 3.79 -41.66
C ASP A 183 0.89 4.52 -40.51
N LEU A 184 2.19 4.31 -40.34
CA LEU A 184 2.90 5.04 -39.30
C LEU A 184 2.95 6.51 -39.65
N TYR A 185 3.16 6.82 -40.93
CA TYR A 185 3.17 8.23 -41.33
C TYR A 185 1.81 8.89 -41.10
N ASP A 186 0.71 8.27 -41.55
CA ASP A 186 -0.62 8.79 -41.19
C ASP A 186 -0.76 9.15 -39.71
N SER A 187 -0.20 8.32 -38.82
CA SER A 187 -0.16 8.64 -37.39
C SER A 187 0.71 9.85 -37.07
N ILE A 188 1.92 9.87 -37.64
CA ILE A 188 2.85 10.99 -37.44
C ILE A 188 2.19 12.31 -37.86
N LYS A 189 1.48 12.26 -38.98
CA LYS A 189 0.74 13.38 -39.52
C LYS A 189 -0.34 13.88 -38.53
N ILE A 190 -1.15 12.96 -38.00
CA ILE A 190 -2.19 13.34 -37.03
C ILE A 190 -1.54 14.01 -35.82
N ALA A 191 -0.43 13.45 -35.39
CA ALA A 191 0.30 13.95 -34.23
C ALA A 191 0.83 15.35 -34.48
N LYS A 192 1.56 15.52 -35.58
CA LYS A 192 2.16 16.82 -35.92
C LYS A 192 1.12 17.91 -36.21
N ASP A 193 0.03 17.54 -36.87
CA ASP A 193 -1.08 18.47 -37.10
C ASP A 193 -1.63 19.00 -35.79
N ALA A 194 -1.61 18.15 -34.77
CA ALA A 194 -2.14 18.52 -33.45
C ALA A 194 -1.15 19.37 -32.67
N GLY A 195 0.10 19.42 -33.15
CA GLY A 195 1.14 20.22 -32.55
C GLY A 195 2.15 19.41 -31.77
N VAL A 196 2.23 18.11 -32.03
CA VAL A 196 3.25 17.27 -31.39
C VAL A 196 4.61 17.52 -32.06
N ARG A 197 5.63 17.80 -31.25
CA ARG A 197 6.99 18.03 -31.73
C ARG A 197 7.66 16.72 -32.13
N ASP A 198 8.47 16.75 -33.19
CA ASP A 198 9.20 15.57 -33.67
C ASP A 198 9.91 14.79 -32.56
N GLU A 199 10.43 15.50 -31.57
CA GLU A 199 11.21 14.88 -30.51
C GLU A 199 10.34 14.14 -29.48
N ASN A 200 9.04 14.41 -29.53
CA ASN A 200 8.08 13.70 -28.71
C ASN A 200 7.37 12.57 -29.43
N ILE A 201 7.92 12.14 -30.55
CA ILE A 201 7.33 11.03 -31.28
C ILE A 201 8.22 9.79 -31.24
N ILE A 202 7.64 8.69 -30.77
CA ILE A 202 8.25 7.39 -30.85
C ILE A 202 7.33 6.52 -31.69
N LEU A 203 7.93 5.67 -32.52
CA LEU A 203 7.19 4.77 -33.38
C LEU A 203 7.31 3.35 -32.85
N ASP A 204 6.37 2.49 -33.27
CA ASP A 204 6.33 1.11 -32.83
C ASP A 204 5.72 0.28 -33.96
N PRO A 205 6.40 -0.79 -34.41
CA PRO A 205 5.91 -1.59 -35.55
C PRO A 205 4.63 -2.36 -35.24
N GLY A 206 4.21 -2.38 -33.98
CA GLY A 206 3.01 -3.07 -33.58
C GLY A 206 3.01 -4.55 -33.90
N ILE A 207 4.05 -5.26 -33.45
CA ILE A 207 4.13 -6.71 -33.63
C ILE A 207 2.98 -7.40 -32.95
N GLY A 208 2.38 -8.37 -33.64
CA GLY A 208 1.25 -9.09 -33.09
C GLY A 208 -0.07 -8.35 -33.18
N PHE A 209 -0.07 -7.19 -33.84
CA PHE A 209 -1.30 -6.45 -34.10
C PHE A 209 -1.59 -6.38 -35.57
N ALA A 210 -2.78 -6.80 -35.95
CA ALA A 210 -3.22 -6.85 -37.35
C ALA A 210 -2.23 -7.56 -38.28
N LYS A 211 -1.47 -8.52 -37.75
CA LYS A 211 -0.46 -9.23 -38.54
C LYS A 211 -0.54 -10.72 -38.32
N THR A 212 -0.37 -11.48 -39.40
CA THR A 212 -0.26 -12.94 -39.29
C THR A 212 1.03 -13.27 -38.55
N PRO A 213 1.13 -14.51 -38.01
CA PRO A 213 2.41 -14.93 -37.42
C PRO A 213 3.55 -14.75 -38.40
N GLU A 214 3.24 -14.91 -39.69
CA GLU A 214 4.24 -14.85 -40.73
C GLU A 214 4.61 -13.40 -41.04
N GLN A 215 3.61 -12.53 -41.03
CA GLN A 215 3.84 -11.10 -41.21
C GLN A 215 4.62 -10.48 -40.05
N ASN A 216 4.47 -11.05 -38.86
CA ASN A 216 5.23 -10.62 -37.68
C ASN A 216 6.70 -10.91 -37.81
N LEU A 217 7.01 -12.15 -38.22
CA LEU A 217 8.36 -12.56 -38.61
C LEU A 217 8.95 -11.65 -39.68
N GLU A 218 8.13 -11.31 -40.69
CA GLU A 218 8.56 -10.48 -41.79
C GLU A 218 8.88 -9.07 -41.32
N ALA A 219 8.02 -8.53 -40.46
CA ALA A 219 8.25 -7.23 -39.85
C ALA A 219 9.51 -7.23 -38.98
N MET A 220 9.76 -8.33 -38.29
CA MET A 220 10.98 -8.48 -37.51
C MET A 220 12.21 -8.46 -38.42
N ARG A 221 12.16 -9.28 -39.47
CA ARG A 221 13.24 -9.41 -40.44
C ARG A 221 13.56 -8.06 -41.13
N ASN A 222 12.60 -7.14 -41.16
CA ASN A 222 12.77 -5.87 -41.88
C ASN A 222 12.59 -4.62 -41.00
N LEU A 223 12.65 -4.82 -39.69
CA LEU A 223 12.47 -3.71 -38.78
C LEU A 223 13.32 -2.48 -39.12
N GLU A 224 14.58 -2.68 -39.50
CA GLU A 224 15.50 -1.57 -39.78
C GLU A 224 14.96 -0.55 -40.79
N GLN A 225 13.96 -0.96 -41.58
CA GLN A 225 13.32 -0.07 -42.54
C GLN A 225 12.60 1.08 -41.86
N LEU A 226 12.16 0.89 -40.61
CA LEU A 226 11.47 1.94 -39.86
C LEU A 226 12.40 3.11 -39.50
N ASN A 227 13.70 2.83 -39.48
CA ASN A 227 14.70 3.86 -39.17
C ASN A 227 14.69 5.06 -40.11
N VAL A 228 14.25 4.86 -41.36
CA VAL A 228 14.28 5.95 -42.34
C VAL A 228 13.32 7.07 -41.99
N LEU A 229 12.24 6.74 -41.27
CA LEU A 229 11.31 7.78 -40.85
C LEU A 229 11.94 8.75 -39.85
N GLY A 230 13.04 8.34 -39.22
CA GLY A 230 13.85 9.25 -38.38
C GLY A 230 13.34 9.47 -36.98
N TYR A 231 12.52 8.54 -36.49
CA TYR A 231 12.03 8.60 -35.11
C TYR A 231 12.52 7.39 -34.33
N PRO A 232 12.73 7.57 -33.01
CA PRO A 232 13.06 6.42 -32.18
C PRO A 232 12.00 5.32 -32.33
N VAL A 233 12.42 4.08 -32.18
CA VAL A 233 11.54 2.92 -32.35
C VAL A 233 11.47 2.07 -31.09
N LEU A 234 10.23 1.80 -30.67
CA LEU A 234 9.98 0.88 -29.58
C LEU A 234 9.48 -0.47 -30.11
N LEU A 235 10.07 -1.54 -29.59
CA LEU A 235 9.70 -2.88 -30.02
C LEU A 235 9.02 -3.63 -28.88
N GLY A 236 7.78 -4.06 -29.12
CA GLY A 236 7.02 -4.81 -28.15
C GLY A 236 6.74 -6.19 -28.69
N THR A 237 7.53 -7.18 -28.24
CA THR A 237 7.37 -8.53 -28.74
C THR A 237 7.20 -9.53 -27.62
N SER A 238 7.48 -9.10 -26.39
CA SER A 238 7.52 -9.96 -25.21
C SER A 238 6.39 -10.97 -25.17
N ARG A 239 6.77 -12.25 -25.12
CA ARG A 239 5.83 -13.35 -24.91
C ARG A 239 4.72 -13.47 -25.97
N LYS A 240 4.84 -12.73 -27.06
CA LYS A 240 3.74 -12.69 -28.01
C LYS A 240 3.48 -14.00 -28.72
N SER A 241 2.25 -14.09 -29.23
CA SER A 241 1.73 -15.24 -29.93
C SER A 241 2.61 -15.79 -31.06
N PHE A 242 3.29 -14.91 -31.80
CA PHE A 242 4.11 -15.35 -32.93
C PHE A 242 5.32 -16.17 -32.50
N ILE A 243 5.90 -15.80 -31.36
CA ILE A 243 6.96 -16.59 -30.73
C ILE A 243 6.43 -17.99 -30.42
N GLY A 244 5.23 -18.04 -29.86
CA GLY A 244 4.57 -19.31 -29.56
C GLY A 244 4.26 -20.12 -30.80
N HIS A 245 4.04 -19.45 -31.92
CA HIS A 245 3.78 -20.12 -33.18
C HIS A 245 5.04 -20.74 -33.73
N VAL A 246 6.17 -20.04 -33.56
CA VAL A 246 7.46 -20.54 -34.03
C VAL A 246 7.96 -21.70 -33.20
N LEU A 247 7.88 -21.53 -31.88
CA LEU A 247 8.50 -22.47 -30.95
C LEU A 247 7.54 -23.55 -30.47
N ASP A 248 6.25 -23.32 -30.71
CA ASP A 248 5.17 -24.16 -30.21
C ASP A 248 5.30 -24.31 -28.71
N LEU A 249 5.32 -23.16 -28.04
CA LEU A 249 5.43 -23.11 -26.60
C LEU A 249 4.36 -22.18 -26.05
N PRO A 250 3.79 -22.53 -24.88
CA PRO A 250 2.81 -21.64 -24.25
C PRO A 250 3.45 -20.35 -23.73
N VAL A 251 2.61 -19.42 -23.31
CA VAL A 251 3.01 -18.05 -22.94
C VAL A 251 4.09 -17.98 -21.86
N GLU A 252 4.09 -18.90 -20.90
CA GLU A 252 5.03 -18.90 -19.80
C GLU A 252 6.38 -19.52 -20.18
N GLU A 253 6.41 -20.14 -21.36
CA GLU A 253 7.63 -20.74 -21.90
C GLU A 253 8.18 -19.93 -23.08
N ARG A 254 8.13 -18.59 -22.99
CA ARG A 254 8.50 -17.74 -24.12
C ARG A 254 9.71 -16.84 -23.92
N LEU A 255 10.46 -17.08 -22.84
CA LEU A 255 11.59 -16.21 -22.47
C LEU A 255 12.71 -16.22 -23.49
N GLU A 256 13.09 -17.40 -23.98
CA GLU A 256 14.18 -17.54 -24.95
C GLU A 256 13.81 -16.90 -26.29
N GLY A 257 12.59 -17.18 -26.74
CA GLY A 257 12.08 -16.59 -27.97
C GLY A 257 11.91 -15.09 -27.91
N THR A 258 11.39 -14.58 -26.79
CA THR A 258 11.30 -13.13 -26.56
C THR A 258 12.70 -12.53 -26.64
N GLY A 259 13.65 -13.23 -26.03
CA GLY A 259 15.02 -12.77 -26.01
C GLY A 259 15.55 -12.62 -27.43
N ALA A 260 15.25 -13.59 -28.27
CA ALA A 260 15.74 -13.55 -29.64
C ALA A 260 15.17 -12.34 -30.38
N THR A 261 13.86 -12.11 -30.26
CA THR A 261 13.21 -10.95 -30.86
C THR A 261 13.82 -9.64 -30.33
N VAL A 262 14.09 -9.59 -29.04
CA VAL A 262 14.71 -8.40 -28.44
C VAL A 262 16.11 -8.16 -29.01
N CYS A 263 16.90 -9.23 -29.12
CA CYS A 263 18.25 -9.11 -29.67
C CYS A 263 18.24 -8.63 -31.11
N LEU A 264 17.39 -9.23 -31.94
CA LEU A 264 17.26 -8.83 -33.34
C LEU A 264 16.78 -7.39 -33.43
N GLY A 265 15.80 -7.01 -32.60
CA GLY A 265 15.29 -5.63 -32.58
C GLY A 265 16.38 -4.60 -32.30
N ILE A 266 17.27 -4.91 -31.37
CA ILE A 266 18.34 -4.00 -30.99
C ILE A 266 19.37 -3.93 -32.10
N GLU A 267 19.63 -5.07 -32.73
CA GLU A 267 20.56 -5.10 -33.83
C GLU A 267 20.00 -4.32 -35.02
N LYS A 268 18.68 -4.33 -35.18
CA LYS A 268 18.07 -3.58 -36.26
C LYS A 268 17.75 -2.15 -35.88
N GLY A 269 18.25 -1.70 -34.73
CA GLY A 269 18.34 -0.28 -34.40
C GLY A 269 17.33 0.31 -33.41
N CYS A 270 16.44 -0.51 -32.87
CA CYS A 270 15.36 0.03 -32.06
C CYS A 270 15.87 0.57 -30.72
N GLU A 271 15.21 1.61 -30.19
CA GLU A 271 15.73 2.31 -29.02
C GLU A 271 15.10 1.84 -27.70
N PHE A 272 13.89 1.30 -27.77
CA PHE A 272 13.17 0.77 -26.61
C PHE A 272 12.70 -0.68 -26.84
N VAL A 273 12.64 -1.45 -25.76
CA VAL A 273 11.93 -2.73 -25.81
C VAL A 273 10.93 -2.76 -24.66
N ARG A 274 9.72 -3.22 -24.96
CA ARG A 274 8.66 -3.29 -23.96
C ARG A 274 8.51 -4.75 -23.59
N VAL A 275 8.89 -5.08 -22.34
CA VAL A 275 9.06 -6.48 -21.90
C VAL A 275 8.43 -6.77 -20.54
N HIS A 276 8.06 -8.06 -20.34
CA HIS A 276 7.57 -8.57 -19.04
C HIS A 276 8.75 -9.00 -18.16
N ASP A 277 9.73 -9.67 -18.76
CA ASP A 277 10.84 -10.26 -18.01
C ASP A 277 11.99 -9.27 -17.97
N VAL A 278 11.86 -8.25 -17.12
CA VAL A 278 12.82 -7.17 -17.09
C VAL A 278 14.25 -7.66 -16.79
N LYS A 279 14.46 -8.34 -15.66
CA LYS A 279 15.79 -8.84 -15.30
C LYS A 279 16.51 -9.44 -16.51
N GLU A 280 15.91 -10.46 -17.09
CA GLU A 280 16.52 -11.20 -18.20
C GLU A 280 16.76 -10.34 -19.45
N MET A 281 15.74 -9.62 -19.91
CA MET A 281 15.87 -8.82 -21.13
C MET A 281 16.86 -7.68 -20.93
N SER A 282 16.85 -7.11 -19.74
CA SER A 282 17.77 -6.05 -19.42
C SER A 282 19.22 -6.52 -19.58
N ARG A 283 19.47 -7.76 -19.21
CA ARG A 283 20.79 -8.37 -19.36
C ARG A 283 21.13 -8.66 -20.81
N MET A 284 20.14 -9.08 -21.59
CA MET A 284 20.38 -9.33 -23.02
C MET A 284 20.61 -8.04 -23.75
N ALA A 285 19.80 -7.04 -23.45
CA ALA A 285 19.94 -5.72 -24.07
C ALA A 285 21.34 -5.21 -23.82
N LYS A 286 21.78 -5.24 -22.57
CA LYS A 286 23.10 -4.76 -22.18
C LYS A 286 24.23 -5.46 -22.96
N MET A 287 24.10 -6.76 -23.19
CA MET A 287 25.10 -7.51 -23.95
C MET A 287 25.05 -7.12 -25.43
N MET A 288 23.85 -7.03 -26.00
CA MET A 288 23.66 -6.56 -27.37
C MET A 288 24.29 -5.18 -27.57
N ASP A 289 23.89 -4.24 -26.71
CA ASP A 289 24.47 -2.90 -26.68
C ASP A 289 26.00 -2.91 -26.76
N ALA A 290 26.67 -3.70 -25.92
CA ALA A 290 28.12 -3.74 -25.93
C ALA A 290 28.67 -4.25 -27.25
N MET A 291 27.99 -5.23 -27.84
CA MET A 291 28.48 -5.87 -29.04
C MET A 291 28.33 -4.98 -30.25
N ILE A 292 27.22 -4.25 -30.33
CA ILE A 292 26.96 -3.39 -31.51
C ILE A 292 27.64 -2.03 -31.36
N GLY A 293 28.19 -1.75 -30.18
CA GLY A 293 28.83 -0.47 -29.89
C GLY A 293 27.86 0.64 -29.52
N LYS A 294 26.76 0.29 -28.87
CA LYS A 294 25.78 1.24 -28.39
C LYS A 294 25.91 1.43 -26.89
N LYS B 22 6.81 -13.96 38.96
CA LYS B 22 5.71 -13.14 39.56
C LYS B 22 4.32 -13.40 38.91
N TRP B 23 4.15 -13.06 37.61
CA TRP B 23 3.00 -13.60 36.82
C TRP B 23 3.40 -15.04 36.43
N ASP B 24 2.52 -16.02 36.64
CA ASP B 24 2.91 -17.41 36.33
C ASP B 24 2.47 -17.89 34.95
N TYR B 25 1.98 -16.96 34.14
CA TYR B 25 1.63 -17.24 32.75
C TYR B 25 2.09 -16.11 31.83
N ASP B 26 2.23 -16.45 30.54
CA ASP B 26 2.46 -15.49 29.47
C ASP B 26 1.13 -15.15 28.82
N LEU B 27 1.04 -13.95 28.26
CA LEU B 27 -0.13 -13.53 27.51
C LEU B 27 0.00 -14.14 26.12
N ARG B 28 -0.87 -15.09 25.82
CA ARG B 28 -0.79 -15.88 24.59
C ARG B 28 -1.60 -15.24 23.47
N CYS B 29 -0.93 -14.87 22.39
CA CYS B 29 -1.53 -14.07 21.31
C CYS B 29 -1.37 -14.71 19.93
N GLY B 30 -1.89 -15.92 19.77
CA GLY B 30 -1.73 -16.64 18.51
C GLY B 30 -0.27 -16.98 18.29
N GLU B 31 0.32 -16.45 17.23
CA GLU B 31 1.74 -16.71 16.91
C GLU B 31 2.74 -15.85 17.73
N TYR B 32 2.21 -14.90 18.50
CA TYR B 32 3.02 -14.10 19.42
C TYR B 32 2.69 -14.44 20.87
N THR B 33 3.68 -14.25 21.73
CA THR B 33 3.55 -14.49 23.14
C THR B 33 4.13 -13.28 23.86
N LEU B 34 3.39 -12.74 24.82
CA LEU B 34 3.87 -11.59 25.56
C LEU B 34 4.10 -11.98 27.00
N ASN B 35 5.36 -11.91 27.40
CA ASN B 35 5.74 -12.16 28.77
C ASN B 35 5.37 -10.91 29.59
N LEU B 36 4.70 -11.12 30.72
CA LEU B 36 4.25 -10.01 31.57
C LEU B 36 5.26 -9.62 32.66
N ASN B 37 6.39 -10.30 32.74
CA ASN B 37 7.34 -10.08 33.85
C ASN B 37 8.62 -9.32 33.47
N GLU B 38 9.03 -9.44 32.22
CA GLU B 38 10.30 -8.88 31.75
C GLU B 38 10.28 -7.37 31.70
N LYS B 39 9.18 -6.82 31.19
CA LYS B 39 9.11 -5.40 30.89
C LYS B 39 7.69 -4.90 30.80
N THR B 40 7.53 -3.59 31.00
CA THR B 40 6.27 -2.94 30.76
C THR B 40 6.01 -3.02 29.26
N LEU B 41 4.84 -3.54 28.89
CA LEU B 41 4.55 -3.77 27.49
C LEU B 41 3.95 -2.51 26.89
N ILE B 42 4.40 -2.16 25.69
CA ILE B 42 4.05 -0.89 25.05
C ILE B 42 3.05 -1.11 23.93
N MET B 43 1.86 -0.55 24.10
CA MET B 43 0.84 -0.60 23.06
C MET B 43 0.80 0.69 22.31
N GLY B 44 1.28 0.68 21.07
CA GLY B 44 1.29 1.85 20.21
C GLY B 44 -0.06 2.08 19.56
N ILE B 45 -0.50 3.34 19.58
CA ILE B 45 -1.78 3.72 19.01
C ILE B 45 -1.59 4.11 17.56
N LEU B 46 -2.18 3.31 16.66
CA LEU B 46 -2.11 3.56 15.22
C LEU B 46 -2.89 4.81 14.82
N ASN B 47 -2.30 5.62 13.94
CA ASN B 47 -3.00 6.74 13.32
C ASN B 47 -4.11 6.23 12.39
N VAL B 48 -5.34 6.55 12.74
CA VAL B 48 -6.50 6.27 11.91
C VAL B 48 -7.24 7.58 11.65
N THR B 49 -7.49 7.90 10.38
CA THR B 49 -8.09 9.19 10.02
C THR B 49 -9.58 9.08 9.66
N ASP B 55 -13.12 6.97 1.66
CA ASP B 55 -14.08 5.93 2.00
C ASP B 55 -13.60 4.54 1.58
N GLY B 56 -13.58 3.60 2.53
CA GLY B 56 -13.24 2.21 2.25
C GLY B 56 -11.85 1.81 2.70
N GLY B 57 -11.23 0.87 1.96
CA GLY B 57 -9.86 0.44 2.25
C GLY B 57 -8.87 0.86 1.17
N SER B 58 -8.87 2.17 0.87
CA SER B 58 -8.06 2.71 -0.20
C SER B 58 -6.57 2.69 0.16
N TYR B 59 -5.72 2.77 -0.87
CA TYR B 59 -4.27 2.66 -0.71
C TYR B 59 -3.67 3.69 0.26
N ASN B 60 -4.06 4.96 0.11
CA ASN B 60 -3.42 6.02 0.89
C ASN B 60 -3.55 5.84 2.41
N GLU B 61 -4.72 5.39 2.86
CA GLU B 61 -4.96 5.24 4.28
C GLU B 61 -4.32 3.99 4.87
N VAL B 62 -4.47 2.85 4.19
CA VAL B 62 -3.93 1.58 4.69
C VAL B 62 -2.38 1.55 4.60
N ASP B 63 -1.82 2.20 3.59
CA ASP B 63 -0.37 2.27 3.47
C ASP B 63 0.22 3.21 4.53
N ALA B 64 -0.49 4.29 4.84
CA ALA B 64 -0.07 5.19 5.90
C ALA B 64 -0.03 4.42 7.21
N ALA B 65 -0.99 3.51 7.36
CA ALA B 65 -1.12 2.68 8.55
C ALA B 65 -0.02 1.62 8.69
N VAL B 66 0.31 0.96 7.59
CA VAL B 66 1.42 0.00 7.60
C VAL B 66 2.71 0.72 7.99
N ARG B 67 2.91 1.90 7.41
CA ARG B 67 4.14 2.66 7.61
C ARG B 67 4.24 3.10 9.06
N HIS B 68 3.13 3.57 9.62
CA HIS B 68 3.08 3.96 11.03
C HIS B 68 3.24 2.77 11.97
N ALA B 69 2.66 1.62 11.61
CA ALA B 69 2.90 0.41 12.39
C ALA B 69 4.38 0.05 12.44
N LYS B 70 5.02 -0.02 11.27
CA LYS B 70 6.45 -0.31 11.15
C LYS B 70 7.28 0.67 11.95
N GLU B 71 6.84 1.92 11.94
CA GLU B 71 7.51 3.00 12.64
C GLU B 71 7.48 2.72 14.13
N MET B 72 6.29 2.39 14.64
CA MET B 72 6.10 2.13 16.05
C MET B 72 6.80 0.84 16.47
N ARG B 73 6.77 -0.16 15.60
CA ARG B 73 7.54 -1.36 15.80
C ARG B 73 9.02 -1.02 15.96
N ASP B 74 9.52 -0.13 15.10
CA ASP B 74 10.92 0.22 15.14
C ASP B 74 11.25 1.02 16.39
N GLU B 75 10.23 1.69 16.94
CA GLU B 75 10.40 2.58 18.10
C GLU B 75 10.19 1.85 19.42
N GLY B 76 9.89 0.56 19.35
CA GLY B 76 9.79 -0.28 20.55
C GLY B 76 8.40 -0.69 21.00
N ALA B 77 7.41 -0.65 20.10
CA ALA B 77 6.05 -1.07 20.44
C ALA B 77 5.94 -2.59 20.44
N HIS B 78 5.16 -3.14 21.37
CA HIS B 78 4.98 -4.58 21.51
C HIS B 78 3.61 -5.00 21.03
N ILE B 79 2.69 -4.04 21.00
CA ILE B 79 1.33 -4.23 20.51
C ILE B 79 0.96 -3.01 19.68
N ILE B 80 0.18 -3.23 18.62
CA ILE B 80 -0.37 -2.16 17.80
C ILE B 80 -1.88 -2.12 17.97
N ASP B 81 -2.42 -0.97 18.39
CA ASP B 81 -3.85 -0.83 18.64
C ASP B 81 -4.53 -0.13 17.46
N ILE B 82 -5.52 -0.79 16.86
CA ILE B 82 -6.16 -0.28 15.65
C ILE B 82 -7.66 -0.03 15.84
N GLY B 83 -8.10 1.19 15.56
CA GLY B 83 -9.53 1.53 15.55
C GLY B 83 -9.81 2.98 15.89
N GLY B 84 -11.11 3.35 15.90
CA GLY B 84 -11.53 4.67 16.38
C GLY B 84 -12.55 5.42 15.52
N GLU B 85 -13.34 6.27 16.19
CA GLU B 85 -14.33 7.14 15.55
C GLU B 85 -13.76 8.51 15.11
N SER B 86 -14.63 9.53 15.02
CA SER B 86 -14.25 10.87 14.59
C SER B 86 -13.30 11.60 15.57
N VAL B 94 -21.52 5.98 10.90
CA VAL B 94 -20.75 5.18 11.85
C VAL B 94 -21.25 3.74 12.00
N SER B 95 -21.95 3.22 10.97
CA SER B 95 -22.52 1.86 11.01
C SER B 95 -21.46 0.77 11.23
N VAL B 96 -21.88 -0.36 11.78
CA VAL B 96 -20.98 -1.48 12.05
C VAL B 96 -20.33 -2.06 10.79
N GLU B 97 -21.10 -2.20 9.71
CA GLU B 97 -20.54 -2.71 8.44
C GLU B 97 -19.56 -1.73 7.80
N GLU B 98 -19.85 -0.44 7.96
CA GLU B 98 -18.94 0.62 7.50
C GLU B 98 -17.66 0.65 8.35
N GLU B 99 -17.81 0.52 9.66
CA GLU B 99 -16.66 0.44 10.59
C GLU B 99 -15.79 -0.79 10.31
N ILE B 100 -16.43 -1.88 9.89
CA ILE B 100 -15.70 -3.10 9.53
C ILE B 100 -14.86 -2.86 8.27
N LYS B 101 -15.49 -2.27 7.24
CA LYS B 101 -14.86 -2.00 5.93
C LYS B 101 -13.69 -1.02 6.04
N ARG B 102 -13.64 -0.25 7.13
CA ARG B 102 -12.52 0.64 7.41
C ARG B 102 -11.39 0.00 8.17
N VAL B 103 -11.72 -0.94 9.05
CA VAL B 103 -10.71 -1.47 9.98
C VAL B 103 -10.11 -2.80 9.53
N VAL B 104 -10.93 -3.67 8.93
CA VAL B 104 -10.48 -4.96 8.42
C VAL B 104 -9.30 -4.86 7.42
N PRO B 105 -9.41 -3.98 6.40
CA PRO B 105 -8.27 -3.85 5.47
C PRO B 105 -7.00 -3.41 6.17
N MET B 106 -7.13 -2.55 7.19
CA MET B 106 -5.98 -2.09 7.97
C MET B 106 -5.39 -3.22 8.82
N ILE B 107 -6.25 -4.08 9.34
CA ILE B 107 -5.78 -5.20 10.15
C ILE B 107 -5.12 -6.26 9.27
N GLN B 108 -5.69 -6.51 8.10
CA GLN B 108 -5.12 -7.47 7.13
C GLN B 108 -3.70 -7.08 6.72
N ALA B 109 -3.52 -5.81 6.37
CA ALA B 109 -2.23 -5.32 5.93
C ALA B 109 -1.20 -5.28 7.06
N VAL B 110 -1.60 -4.73 8.22
CA VAL B 110 -0.69 -4.60 9.35
C VAL B 110 -0.29 -5.97 9.87
N SER B 111 -1.23 -6.90 9.98
CA SER B 111 -0.90 -8.24 10.43
C SER B 111 0.10 -8.90 9.49
N LYS B 112 -0.10 -8.72 8.19
CA LYS B 112 0.80 -9.27 7.20
C LYS B 112 2.19 -8.66 7.30
N GLU B 113 2.24 -7.32 7.27
CA GLU B 113 3.50 -6.60 7.07
C GLU B 113 4.27 -6.21 8.34
N VAL B 114 3.64 -6.37 9.50
CA VAL B 114 4.27 -6.01 10.77
C VAL B 114 4.11 -7.15 11.77
N LYS B 115 5.23 -7.70 12.19
CA LYS B 115 5.24 -8.87 13.07
C LYS B 115 5.09 -8.49 14.55
N LEU B 116 3.88 -8.05 14.91
CA LEU B 116 3.49 -7.66 16.27
C LEU B 116 2.02 -8.02 16.49
N PRO B 117 1.65 -8.38 17.73
CA PRO B 117 0.23 -8.58 17.95
C PRO B 117 -0.57 -7.30 17.76
N ILE B 118 -1.79 -7.47 17.27
CA ILE B 118 -2.64 -6.35 16.97
C ILE B 118 -3.85 -6.41 17.87
N SER B 119 -4.19 -5.27 18.47
CA SER B 119 -5.43 -5.20 19.23
C SER B 119 -6.45 -4.42 18.42
N ILE B 120 -7.68 -4.94 18.42
CA ILE B 120 -8.78 -4.27 17.76
C ILE B 120 -9.51 -3.39 18.76
N ASP B 121 -9.48 -2.09 18.52
CA ASP B 121 -10.18 -1.15 19.39
C ASP B 121 -11.64 -1.10 18.96
N THR B 122 -12.49 -1.83 19.68
CA THR B 122 -13.93 -1.85 19.41
C THR B 122 -14.71 -2.34 20.62
N TYR B 123 -15.91 -1.80 20.80
CA TYR B 123 -16.82 -2.35 21.80
C TYR B 123 -17.90 -3.21 21.14
N LYS B 124 -17.78 -3.42 19.84
CA LYS B 124 -18.81 -4.12 19.09
C LYS B 124 -18.45 -5.56 18.80
N ALA B 125 -19.35 -6.46 19.20
CA ALA B 125 -19.22 -7.89 18.96
C ALA B 125 -18.85 -8.22 17.50
N GLU B 126 -19.59 -7.66 16.55
CA GLU B 126 -19.39 -8.04 15.15
C GLU B 126 -18.04 -7.58 14.62
N VAL B 127 -17.67 -6.35 14.95
CA VAL B 127 -16.37 -5.78 14.55
C VAL B 127 -15.24 -6.65 15.07
N ALA B 128 -15.34 -7.03 16.34
CA ALA B 128 -14.37 -7.88 16.98
C ALA B 128 -14.19 -9.20 16.22
N LYS B 129 -15.31 -9.87 15.92
CA LYS B 129 -15.32 -11.09 15.11
C LYS B 129 -14.54 -10.86 13.82
N GLN B 130 -14.93 -9.84 13.05
CA GLN B 130 -14.32 -9.59 11.73
C GLN B 130 -12.85 -9.20 11.83
N ALA B 131 -12.51 -8.39 12.82
CA ALA B 131 -11.15 -7.93 13.06
C ALA B 131 -10.20 -9.09 13.37
N ILE B 132 -10.64 -9.99 14.25
CA ILE B 132 -9.85 -11.19 14.56
C ILE B 132 -9.69 -12.07 13.32
N GLU B 133 -10.81 -12.26 12.59
CA GLU B 133 -10.81 -12.97 11.30
C GLU B 133 -9.82 -12.34 10.33
N ALA B 134 -9.74 -11.00 10.37
CA ALA B 134 -8.81 -10.22 9.57
C ALA B 134 -7.36 -10.39 10.01
N GLY B 135 -7.15 -10.80 11.26
CA GLY B 135 -5.80 -11.06 11.77
C GLY B 135 -5.45 -10.47 13.13
N ALA B 136 -6.42 -9.82 13.78
CA ALA B 136 -6.19 -9.17 15.07
C ALA B 136 -6.13 -10.21 16.19
N HIS B 137 -5.28 -9.94 17.18
CA HIS B 137 -4.98 -10.90 18.24
C HIS B 137 -5.62 -10.59 19.60
N ILE B 138 -6.02 -9.33 19.82
CA ILE B 138 -6.46 -8.89 21.14
C ILE B 138 -7.69 -8.01 20.97
N ILE B 139 -8.70 -8.18 21.82
CA ILE B 139 -9.83 -7.27 21.81
C ILE B 139 -9.56 -6.17 22.83
N ASN B 140 -9.61 -4.92 22.38
CA ASN B 140 -9.48 -3.79 23.30
C ASN B 140 -10.84 -3.11 23.41
N ASP B 141 -11.58 -3.39 24.47
CA ASP B 141 -12.97 -2.93 24.55
C ASP B 141 -13.11 -1.79 25.54
N ILE B 142 -13.40 -0.59 25.04
CA ILE B 142 -13.57 0.58 25.96
C ILE B 142 -14.81 0.54 26.85
N TRP B 143 -15.70 -0.42 26.63
CA TRP B 143 -16.90 -0.56 27.46
C TRP B 143 -16.84 -1.83 28.28
N GLY B 144 -15.72 -2.53 28.19
CA GLY B 144 -15.46 -3.71 29.00
C GLY B 144 -16.60 -4.71 28.98
N ALA B 145 -16.99 -5.11 27.77
CA ALA B 145 -18.03 -6.13 27.56
C ALA B 145 -19.41 -5.73 28.05
N LYS B 146 -19.63 -4.44 28.25
CA LYS B 146 -20.92 -3.96 28.76
C LYS B 146 -21.81 -3.33 27.69
N ALA B 147 -21.21 -2.83 26.60
CA ALA B 147 -21.98 -2.21 25.55
C ALA B 147 -22.64 -3.31 24.73
N GLU B 148 -21.88 -4.39 24.57
CA GLU B 148 -22.26 -5.53 23.75
C GLU B 148 -21.67 -6.76 24.40
N PRO B 149 -22.45 -7.41 25.27
CA PRO B 149 -21.95 -8.55 26.04
C PRO B 149 -21.47 -9.69 25.14
N LYS B 150 -22.04 -9.78 23.94
CA LYS B 150 -21.61 -10.80 22.98
C LYS B 150 -20.12 -10.72 22.62
N ILE B 151 -19.48 -9.56 22.87
CA ILE B 151 -18.05 -9.38 22.56
C ILE B 151 -17.18 -10.38 23.34
N ALA B 152 -17.64 -10.74 24.54
CA ALA B 152 -16.97 -11.71 25.37
C ALA B 152 -17.14 -13.11 24.83
N GLU B 153 -18.31 -13.41 24.26
CA GLU B 153 -18.53 -14.66 23.56
C GLU B 153 -17.49 -14.79 22.43
N VAL B 154 -17.27 -13.68 21.73
CA VAL B 154 -16.30 -13.61 20.64
C VAL B 154 -14.88 -13.86 21.18
N ALA B 155 -14.49 -13.14 22.23
CA ALA B 155 -13.23 -13.37 22.93
C ALA B 155 -13.09 -14.84 23.31
N ALA B 156 -14.17 -15.40 23.84
CA ALA B 156 -14.15 -16.78 24.29
C ALA B 156 -13.93 -17.75 23.12
N HIS B 157 -14.64 -17.52 22.01
CA HIS B 157 -14.54 -18.44 20.87
C HIS B 157 -13.14 -18.44 20.27
N TYR B 158 -12.57 -17.26 20.10
CA TYR B 158 -11.27 -17.16 19.46
C TYR B 158 -10.14 -17.30 20.47
N ASP B 159 -10.51 -17.40 21.75
CA ASP B 159 -9.56 -17.69 22.82
C ASP B 159 -8.51 -16.58 22.89
N VAL B 160 -8.95 -15.34 22.66
CA VAL B 160 -8.06 -14.19 22.59
C VAL B 160 -8.11 -13.34 23.87
N PRO B 161 -7.00 -12.65 24.18
CA PRO B 161 -7.04 -11.76 25.34
C PRO B 161 -8.00 -10.62 25.09
N ILE B 162 -8.69 -10.19 26.14
CA ILE B 162 -9.60 -9.07 26.04
C ILE B 162 -9.32 -8.06 27.13
N ILE B 163 -9.12 -6.81 26.71
CA ILE B 163 -8.90 -5.71 27.65
C ILE B 163 -10.27 -5.17 28.02
N LEU B 164 -10.59 -5.27 29.30
CA LEU B 164 -11.87 -4.80 29.83
C LEU B 164 -11.61 -3.48 30.51
N MET B 165 -11.88 -2.37 29.81
CA MET B 165 -11.63 -1.03 30.36
C MET B 165 -12.80 -0.57 31.22
N HIS B 166 -12.50 0.12 32.31
CA HIS B 166 -13.55 0.72 33.09
C HIS B 166 -14.20 1.89 32.35
N ASN B 167 -15.53 1.90 32.38
CA ASN B 167 -16.32 2.94 31.74
C ASN B 167 -17.72 2.89 32.31
N ARG B 168 -18.39 4.03 32.33
CA ARG B 168 -19.79 4.12 32.78
C ARG B 168 -20.45 5.37 32.21
N ASP B 169 -21.77 5.47 32.35
CA ASP B 169 -22.52 6.58 31.74
C ASP B 169 -22.65 7.83 32.61
N ASN B 170 -22.10 7.78 33.82
CA ASN B 170 -22.23 8.88 34.78
C ASN B 170 -20.89 9.10 35.46
N MET B 171 -20.77 10.20 36.20
CA MET B 171 -19.55 10.46 36.98
C MET B 171 -19.87 10.48 38.47
N ASN B 172 -20.78 9.61 38.88
CA ASN B 172 -21.32 9.59 40.24
C ASN B 172 -20.82 8.46 41.13
N TYR B 173 -19.75 8.74 41.87
CA TYR B 173 -19.09 7.75 42.69
C TYR B 173 -19.30 7.97 44.20
N ARG B 174 -19.52 6.86 44.91
CA ARG B 174 -19.52 6.85 46.37
C ARG B 174 -18.08 6.81 46.89
N ASN B 175 -17.23 6.14 46.12
CA ASN B 175 -15.83 5.87 46.46
C ASN B 175 -15.22 5.45 45.12
N LEU B 176 -14.47 6.38 44.50
CA LEU B 176 -14.04 6.23 43.10
C LEU B 176 -13.46 4.86 42.83
N MET B 177 -12.41 4.53 43.57
CA MET B 177 -11.65 3.29 43.37
C MET B 177 -12.46 2.05 43.61
N ALA B 178 -13.25 2.08 44.67
CA ALA B 178 -14.09 0.96 45.07
C ALA B 178 -15.18 0.75 44.04
N ASP B 179 -15.74 1.84 43.54
CA ASP B 179 -16.72 1.79 42.45
C ASP B 179 -16.10 1.28 41.14
N MET B 180 -14.88 1.72 40.85
CA MET B 180 -14.15 1.26 39.67
C MET B 180 -13.89 -0.23 39.75
N ILE B 181 -13.44 -0.69 40.93
CA ILE B 181 -13.14 -2.11 41.15
C ILE B 181 -14.41 -2.95 41.01
N ALA B 182 -15.49 -2.52 41.65
CA ALA B 182 -16.83 -3.08 41.42
C ALA B 182 -17.21 -3.14 39.92
N ASP B 183 -17.08 -2.00 39.22
CA ASP B 183 -17.44 -1.92 37.80
C ASP B 183 -16.61 -2.88 36.97
N LEU B 184 -15.31 -2.96 37.28
CA LEU B 184 -14.40 -3.86 36.56
C LEU B 184 -14.72 -5.33 36.85
N TYR B 185 -15.20 -5.62 38.06
CA TYR B 185 -15.65 -6.97 38.35
C TYR B 185 -16.93 -7.34 37.58
N ASP B 186 -17.83 -6.38 37.39
CA ASP B 186 -19.01 -6.63 36.53
C ASP B 186 -18.58 -7.08 35.14
N SER B 187 -17.50 -6.47 34.65
CA SER B 187 -16.95 -6.81 33.36
C SER B 187 -16.30 -8.18 33.41
N ILE B 188 -15.55 -8.44 34.46
CA ILE B 188 -14.92 -9.73 34.61
C ILE B 188 -15.95 -10.87 34.63
N LYS B 189 -17.06 -10.64 35.34
CA LYS B 189 -18.11 -11.62 35.47
C LYS B 189 -18.73 -11.90 34.11
N ILE B 190 -19.02 -10.84 33.36
CA ILE B 190 -19.56 -10.98 32.01
C ILE B 190 -18.60 -11.80 31.13
N ALA B 191 -17.32 -11.43 31.19
CA ALA B 191 -16.31 -12.12 30.39
C ALA B 191 -16.26 -13.59 30.79
N LYS B 192 -16.06 -13.87 32.07
CA LYS B 192 -15.93 -15.24 32.54
C LYS B 192 -17.19 -16.10 32.30
N ASP B 193 -18.37 -15.47 32.41
CA ASP B 193 -19.64 -16.13 32.13
C ASP B 193 -19.77 -16.58 30.68
N ALA B 194 -19.07 -15.87 29.80
CA ALA B 194 -19.10 -16.20 28.37
C ALA B 194 -18.05 -17.26 28.03
N GLY B 195 -17.14 -17.52 28.97
CA GLY B 195 -16.12 -18.55 28.82
C GLY B 195 -14.71 -18.01 28.66
N VAL B 196 -14.53 -16.70 28.90
CA VAL B 196 -13.19 -16.10 28.89
C VAL B 196 -12.38 -16.70 30.05
N ARG B 197 -11.24 -17.31 29.71
CA ARG B 197 -10.29 -17.83 30.69
C ARG B 197 -9.63 -16.65 31.41
N ASP B 198 -9.32 -16.82 32.68
CA ASP B 198 -8.72 -15.74 33.49
C ASP B 198 -7.49 -15.16 32.84
N GLU B 199 -6.80 -15.99 32.07
CA GLU B 199 -5.56 -15.57 31.47
C GLU B 199 -5.75 -14.74 30.22
N ASN B 200 -7.00 -14.62 29.78
CA ASN B 200 -7.28 -13.77 28.62
C ASN B 200 -7.91 -12.44 29.06
N ILE B 201 -7.78 -12.13 30.35
CA ILE B 201 -8.35 -10.89 30.87
C ILE B 201 -7.29 -9.89 31.27
N ILE B 202 -7.38 -8.71 30.68
CA ILE B 202 -6.58 -7.56 31.04
C ILE B 202 -7.55 -6.45 31.44
N LEU B 203 -7.18 -5.65 32.43
CA LEU B 203 -8.04 -4.60 32.97
C LEU B 203 -7.46 -3.22 32.70
N ASP B 204 -8.32 -2.21 32.69
CA ASP B 204 -7.86 -0.87 32.34
C ASP B 204 -8.66 0.12 33.17
N PRO B 205 -7.96 0.98 33.93
CA PRO B 205 -8.65 1.95 34.80
C PRO B 205 -9.55 2.93 34.05
N GLY B 206 -9.43 2.98 32.72
CA GLY B 206 -10.20 3.91 31.88
C GLY B 206 -9.97 5.35 32.26
N ILE B 207 -8.70 5.79 32.28
CA ILE B 207 -8.41 7.17 32.62
C ILE B 207 -9.00 8.11 31.56
N GLY B 208 -9.60 9.20 32.02
CA GLY B 208 -10.25 10.15 31.12
C GLY B 208 -11.57 9.64 30.59
N PHE B 209 -12.11 8.60 31.20
CA PHE B 209 -13.46 8.14 30.85
C PHE B 209 -14.33 8.20 32.10
N ALA B 210 -15.49 8.83 31.96
CA ALA B 210 -16.47 8.91 33.04
C ALA B 210 -15.85 9.48 34.33
N LYS B 211 -14.82 10.30 34.15
CA LYS B 211 -14.04 10.81 35.28
C LYS B 211 -13.72 12.28 35.13
N THR B 212 -13.97 13.04 36.20
CA THR B 212 -13.55 14.43 36.25
C THR B 212 -12.02 14.45 36.19
N PRO B 213 -11.43 15.65 35.95
CA PRO B 213 -9.97 15.79 35.93
C PRO B 213 -9.35 15.43 37.28
N GLU B 214 -10.08 15.68 38.36
CA GLU B 214 -9.60 15.37 39.70
C GLU B 214 -9.68 13.88 39.99
N GLN B 215 -10.75 13.25 39.52
CA GLN B 215 -10.90 11.82 39.68
C GLN B 215 -9.85 11.03 38.89
N ASN B 216 -9.38 11.56 37.77
CA ASN B 216 -8.31 10.91 37.02
C ASN B 216 -6.99 10.88 37.79
N LEU B 217 -6.67 12.01 38.42
CA LEU B 217 -5.53 12.15 39.33
C LEU B 217 -5.67 11.16 40.51
N GLU B 218 -6.86 11.12 41.10
CA GLU B 218 -7.17 10.22 42.20
C GLU B 218 -6.96 8.76 41.78
N ALA B 219 -7.51 8.39 40.63
CA ALA B 219 -7.31 7.05 40.11
C ALA B 219 -5.82 6.75 39.88
N MET B 220 -5.12 7.66 39.19
CA MET B 220 -3.66 7.59 39.07
C MET B 220 -2.95 7.37 40.41
N ARG B 221 -3.36 8.14 41.42
CA ARG B 221 -2.71 8.13 42.72
C ARG B 221 -2.91 6.76 43.40
N ASN B 222 -3.98 6.07 43.00
CA ASN B 222 -4.41 4.86 43.67
C ASN B 222 -4.47 3.64 42.75
N LEU B 223 -3.78 3.71 41.61
CA LEU B 223 -3.89 2.66 40.62
C LEU B 223 -3.59 1.27 41.17
N GLU B 224 -2.67 1.19 42.13
CA GLU B 224 -2.20 -0.10 42.64
C GLU B 224 -3.32 -0.93 43.30
N GLN B 225 -4.40 -0.26 43.67
CA GLN B 225 -5.56 -0.93 44.25
C GLN B 225 -6.17 -1.92 43.27
N LEU B 226 -5.96 -1.68 41.97
CA LEU B 226 -6.48 -2.56 40.94
C LEU B 226 -5.78 -3.92 40.97
N ASN B 227 -4.58 -3.95 41.51
CA ASN B 227 -3.77 -5.16 41.50
C ASN B 227 -4.44 -6.32 42.26
N VAL B 228 -5.28 -5.99 43.23
CA VAL B 228 -5.97 -6.98 44.08
C VAL B 228 -6.89 -7.92 43.32
N LEU B 229 -7.40 -7.50 42.17
CA LEU B 229 -8.28 -8.34 41.38
C LEU B 229 -7.52 -9.52 40.73
N GLY B 230 -6.22 -9.36 40.52
CA GLY B 230 -5.35 -10.45 40.08
C GLY B 230 -5.18 -10.57 38.58
N TYR B 231 -5.40 -9.48 37.88
CA TYR B 231 -5.20 -9.44 36.41
C TYR B 231 -4.21 -8.37 36.02
N PRO B 232 -3.53 -8.58 34.88
CA PRO B 232 -2.71 -7.54 34.30
C PRO B 232 -3.50 -6.26 34.09
N VAL B 233 -2.81 -5.12 34.16
CA VAL B 233 -3.46 -3.83 34.04
C VAL B 233 -2.78 -3.05 32.92
N LEU B 234 -3.59 -2.48 32.04
CA LEU B 234 -3.14 -1.64 30.97
C LEU B 234 -3.55 -0.22 31.28
N LEU B 235 -2.60 0.70 31.19
CA LEU B 235 -2.85 2.11 31.45
C LEU B 235 -2.88 2.94 30.17
N GLY B 236 -3.95 3.71 30.01
CA GLY B 236 -4.10 4.55 28.84
C GLY B 236 -4.26 5.98 29.30
N THR B 237 -3.17 6.75 29.24
CA THR B 237 -3.19 8.13 29.69
C THR B 237 -2.68 9.12 28.66
N SER B 238 -2.02 8.58 27.63
CA SER B 238 -1.28 9.37 26.63
C SER B 238 -2.03 10.57 26.10
N ARG B 239 -1.42 11.74 26.34
CA ARG B 239 -1.86 13.03 25.79
C ARG B 239 -3.24 13.48 26.25
N LYS B 240 -3.81 12.82 27.26
CA LYS B 240 -5.20 13.04 27.61
C LYS B 240 -5.52 14.40 28.19
N SER B 241 -6.81 14.73 28.17
CA SER B 241 -7.33 15.97 28.72
C SER B 241 -6.85 16.28 30.16
N PHE B 242 -6.65 15.27 30.99
CA PHE B 242 -6.31 15.52 32.40
C PHE B 242 -4.90 16.05 32.61
N ILE B 243 -3.98 15.62 31.75
CA ILE B 243 -2.64 16.17 31.72
C ILE B 243 -2.72 17.66 31.32
N GLY B 244 -3.57 17.97 30.35
CA GLY B 244 -3.85 19.33 29.95
C GLY B 244 -4.41 20.21 31.06
N HIS B 245 -5.29 19.67 31.88
CA HIS B 245 -5.87 20.44 32.99
C HIS B 245 -4.80 20.86 33.99
N VAL B 246 -3.84 19.96 34.23
CA VAL B 246 -2.77 20.18 35.18
C VAL B 246 -1.70 21.11 34.62
N LEU B 247 -1.23 20.81 33.40
CA LEU B 247 -0.10 21.52 32.82
C LEU B 247 -0.47 22.77 32.01
N ASP B 248 -1.76 22.93 31.74
CA ASP B 248 -2.25 23.99 30.86
C ASP B 248 -1.46 23.99 29.54
N LEU B 249 -1.45 22.84 28.87
CA LEU B 249 -0.79 22.66 27.57
C LEU B 249 -1.70 21.89 26.62
N PRO B 250 -1.61 22.19 25.30
CA PRO B 250 -2.46 21.50 24.33
C PRO B 250 -1.98 20.09 24.02
N VAL B 251 -2.78 19.34 23.26
CA VAL B 251 -2.55 17.92 22.98
C VAL B 251 -1.13 17.58 22.48
N GLU B 252 -0.48 18.52 21.82
CA GLU B 252 0.79 18.24 21.16
C GLU B 252 1.98 18.57 22.03
N GLU B 253 1.71 19.16 23.20
CA GLU B 253 2.72 19.55 24.16
C GLU B 253 2.57 18.74 25.44
N ARG B 254 2.31 17.45 25.32
CA ARG B 254 1.98 16.65 26.51
C ARG B 254 2.89 15.45 26.77
N LEU B 255 3.99 15.38 26.05
CA LEU B 255 4.96 14.29 26.15
C LEU B 255 5.51 14.13 27.57
N GLU B 256 5.83 15.24 28.24
CA GLU B 256 6.35 15.20 29.61
C GLU B 256 5.29 14.78 30.63
N GLY B 257 4.11 15.38 30.53
CA GLY B 257 2.97 15.00 31.35
C GLY B 257 2.60 13.53 31.19
N THR B 258 2.58 13.05 29.94
CA THR B 258 2.28 11.65 29.61
C THR B 258 3.34 10.73 30.25
N GLY B 259 4.59 11.18 30.18
CA GLY B 259 5.71 10.41 30.71
C GLY B 259 5.59 10.19 32.20
N ALA B 260 5.19 11.23 32.91
CA ALA B 260 4.99 11.12 34.34
C ALA B 260 3.86 10.12 34.67
N THR B 261 2.79 10.15 33.86
CA THR B 261 1.66 9.22 34.07
C THR B 261 2.09 7.77 33.82
N VAL B 262 2.94 7.56 32.83
CA VAL B 262 3.45 6.22 32.53
C VAL B 262 4.35 5.75 33.66
N CYS B 263 5.23 6.63 34.11
CA CYS B 263 6.14 6.32 35.21
C CYS B 263 5.42 5.90 36.48
N LEU B 264 4.48 6.74 36.93
CA LEU B 264 3.68 6.43 38.12
C LEU B 264 2.92 5.14 37.90
N GLY B 265 2.39 4.96 36.70
CA GLY B 265 1.62 3.75 36.38
C GLY B 265 2.46 2.50 36.53
N ILE B 266 3.70 2.56 36.08
CA ILE B 266 4.59 1.40 36.14
C ILE B 266 4.99 1.15 37.57
N GLU B 267 5.28 2.23 38.29
CA GLU B 267 5.59 2.10 39.69
C GLU B 267 4.42 1.43 40.42
N LYS B 268 3.20 1.75 40.00
CA LYS B 268 2.02 1.21 40.63
C LYS B 268 1.64 -0.18 40.09
N GLY B 269 2.50 -0.73 39.24
CA GLY B 269 2.47 -2.15 38.88
C GLY B 269 1.70 -2.53 37.63
N CYS B 270 1.38 -1.54 36.79
CA CYS B 270 0.58 -1.80 35.62
C CYS B 270 1.44 -2.48 34.56
N GLU B 271 0.87 -3.40 33.78
CA GLU B 271 1.70 -4.23 32.90
C GLU B 271 1.87 -3.72 31.46
N PHE B 272 0.92 -2.89 31.01
CA PHE B 272 0.94 -2.31 29.67
C PHE B 272 0.68 -0.81 29.77
N VAL B 273 1.21 -0.05 28.82
CA VAL B 273 0.83 1.35 28.66
C VAL B 273 0.47 1.55 27.21
N ARG B 274 -0.60 2.31 26.98
CA ARG B 274 -1.11 2.61 25.63
C ARG B 274 -0.74 4.03 25.28
N VAL B 275 0.18 4.18 24.33
CA VAL B 275 0.80 5.49 24.07
C VAL B 275 0.87 5.87 22.60
N HIS B 276 0.96 7.19 22.35
CA HIS B 276 1.21 7.73 21.00
C HIS B 276 2.71 7.85 20.73
N ASP B 277 3.48 8.30 21.73
CA ASP B 277 4.90 8.56 21.56
C ASP B 277 5.69 7.32 21.98
N VAL B 278 5.79 6.37 21.06
CA VAL B 278 6.34 5.06 21.40
C VAL B 278 7.81 5.15 21.78
N LYS B 279 8.64 5.71 20.90
CA LYS B 279 10.07 5.94 21.17
C LYS B 279 10.31 6.46 22.58
N GLU B 280 9.70 7.60 22.90
CA GLU B 280 9.90 8.28 24.18
C GLU B 280 9.40 7.46 25.39
N MET B 281 8.22 6.84 25.27
CA MET B 281 7.65 6.04 26.36
C MET B 281 8.35 4.70 26.56
N SER B 282 8.89 4.14 25.49
CA SER B 282 9.67 2.91 25.59
C SER B 282 10.89 3.09 26.48
N ARG B 283 11.57 4.21 26.27
CA ARG B 283 12.75 4.58 27.05
C ARG B 283 12.37 4.86 28.48
N MET B 284 11.28 5.61 28.70
CA MET B 284 10.86 5.90 30.07
C MET B 284 10.54 4.63 30.80
N ALA B 285 9.71 3.80 30.16
CA ALA B 285 9.30 2.50 30.69
C ALA B 285 10.51 1.63 30.98
N LYS B 286 11.42 1.54 30.02
CA LYS B 286 12.63 0.76 30.19
C LYS B 286 13.41 1.22 31.43
N MET B 287 13.52 2.54 31.63
CA MET B 287 14.23 3.07 32.81
C MET B 287 13.46 2.86 34.10
N MET B 288 12.14 3.00 34.06
CA MET B 288 11.28 2.64 35.21
C MET B 288 11.45 1.18 35.60
N ASP B 289 11.41 0.29 34.61
CA ASP B 289 11.53 -1.15 34.81
C ASP B 289 12.82 -1.55 35.53
N ALA B 290 13.94 -0.94 35.13
CA ALA B 290 15.22 -1.27 35.73
C ALA B 290 15.32 -0.79 37.17
N MET B 291 14.60 0.30 37.48
CA MET B 291 14.65 0.89 38.81
C MET B 291 13.75 0.14 39.76
N ILE B 292 12.61 -0.32 39.26
CA ILE B 292 11.70 -1.08 40.12
C ILE B 292 11.98 -2.59 40.09
N GLY B 293 13.10 -2.97 39.45
CA GLY B 293 13.55 -4.37 39.39
C GLY B 293 12.63 -5.36 38.67
N LYS B 294 11.92 -4.88 37.64
CA LYS B 294 11.08 -5.72 36.77
C LYS B 294 11.91 -6.68 35.89
S SO4 C . 12.03 1.24 -2.05
O1 SO4 C . 10.79 1.78 -2.63
O2 SO4 C . 13.17 1.93 -2.68
O3 SO4 C . 12.02 1.57 -0.62
O4 SO4 C . 12.12 -0.21 -2.24
S SO4 D . 4.77 -12.33 -14.70
O1 SO4 D . 4.52 -11.16 -15.55
O2 SO4 D . 6.20 -12.63 -14.63
O3 SO4 D . 4.30 -12.02 -13.35
O4 SO4 D . 4.03 -13.50 -15.21
S SO4 E . 2.98 -5.31 -54.34
O1 SO4 E . 1.68 -5.26 -55.01
O2 SO4 E . 4.01 -4.76 -55.21
O3 SO4 E . 2.95 -4.56 -53.10
O4 SO4 E . 3.31 -6.70 -54.03
S SO4 F . -1.22 -17.26 -27.54
O1 SO4 F . -0.54 -17.94 -28.65
O2 SO4 F . -0.49 -16.06 -27.15
O3 SO4 F . -2.57 -16.90 -27.96
O4 SO4 F . -1.30 -18.18 -26.41
S SO4 G . -8.41 -9.13 -22.09
O1 SO4 G . -7.36 -9.96 -22.67
O2 SO4 G . -7.83 -7.87 -21.62
O3 SO4 G . -9.42 -8.86 -23.12
O4 SO4 G . -9.03 -9.83 -20.97
C1 Z17 H . -0.98 -6.20 -24.13
C2 Z17 H . 0.00 -5.90 -23.03
C3 Z17 H . 1.37 -4.56 -26.73
N1 Z17 H . 3.77 0.60 -27.50
N2 Z17 H . 3.71 -1.84 -28.08
C4 Z17 H . 0.05 -1.25 -24.64
C5 Z17 H . 0.26 -4.66 -25.76
C6 Z17 H . -1.60 -6.12 -26.44
O1 Z17 H . 1.79 -5.67 -27.39
N3 Z17 H . -0.10 -3.58 -25.14
O2 Z17 H . -0.33 -5.03 -22.18
C7 Z17 H . 3.21 -0.69 -27.33
O3 Z17 H . 3.62 -4.14 -28.64
N4 Z17 H . 2.16 -0.91 -26.44
O4 Z17 H . 1.12 -6.49 -22.99
C8 Z17 H . 1.60 -2.16 -26.29
C9 Z17 H . 2.05 -3.25 -26.99
N5 Z17 H . 0.52 -2.38 -25.37
C10 Z17 H . 3.13 -3.09 -27.91
C11 Z17 H . -0.43 -5.99 -25.51
S SO4 I . -7.99 18.43 25.52
O1 SO4 I . -8.15 18.75 24.10
O2 SO4 I . -7.08 19.39 26.13
O3 SO4 I . -9.28 18.51 26.22
O4 SO4 I . -7.44 17.07 25.58
S SO4 J . 9.97 -3.49 6.65
O1 SO4 J . 9.87 -3.76 5.22
O2 SO4 J . 9.93 -2.04 6.86
O3 SO4 J . 8.86 -4.16 7.32
O4 SO4 J . 11.21 -4.03 7.21
S SO4 K . 1.62 11.83 16.02
O1 SO4 K . 1.44 11.65 14.57
O2 SO4 K . 1.86 13.25 16.31
O3 SO4 K . 0.39 11.39 16.68
O4 SO4 K . 2.76 11.03 16.48
S SO4 L . -6.06 10.38 47.94
O1 SO4 L . -6.87 10.41 46.73
O2 SO4 L . -5.51 11.71 48.21
O3 SO4 L . -6.88 9.95 49.08
O4 SO4 L . -4.96 9.42 47.77
S SO4 M . 9.86 -14.84 33.70
O1 SO4 M . 10.82 -14.53 32.65
O2 SO4 M . 9.96 -13.80 34.75
O3 SO4 M . 8.50 -14.86 33.16
O4 SO4 M . 10.16 -16.14 34.30
C1 Z17 N . -9.09 7.55 21.93
C2 Z17 N . -7.71 7.23 21.46
C3 Z17 N . -8.46 5.60 25.15
N1 Z17 N . -7.83 0.08 26.60
N2 Z17 N . -7.57 2.48 27.21
C4 Z17 N . -9.53 2.57 22.56
C5 Z17 N . -9.03 5.91 23.82
C6 Z17 N . -10.45 8.02 23.89
O1 Z17 N . -8.12 6.63 25.96
N3 Z17 N . -9.34 4.90 23.05
O2 Z17 N . -7.57 6.50 20.43
C7 Z17 N . -7.97 1.45 26.27
O3 Z17 N . -7.35 4.79 27.81
N4 Z17 N . -8.48 1.85 25.04
O4 Z17 N . -6.68 7.61 22.15
C8 Z17 N . -8.62 3.18 24.73
C9 Z17 N . -8.27 4.18 25.60
N5 Z17 N . -9.16 3.61 23.47
C10 Z17 N . -7.72 3.82 26.89
C11 Z17 N . -9.20 7.37 23.41
#